data_6T8L
#
_entry.id   6T8L
#
_cell.length_a   49.377
_cell.length_b   76.310
_cell.length_c   116.713
_cell.angle_alpha   90.000
_cell.angle_beta   90.000
_cell.angle_gamma   90.000
#
_symmetry.space_group_name_H-M   'P 21 21 21'
#
loop_
_entity.id
_entity.type
_entity.pdbx_description
1 polymer 'Endo-beta-N-acetylglucosaminidase F1'
2 branched alpha-D-mannopyranose-(1-2)-alpha-D-mannopyranose-(1-2)-alpha-D-mannopyranose-(1-3)-[alpha-D-mannopyranose-(1-2)-alpha-D-mannopyranose-(1-3)-[alpha-D-mannopyranose-(1-2)-alpha-D-mannopyranose-(1-6)]alpha-D-mannopyranose-(1-6)]beta-D-mannopyranose-(1-4)-2-acetamido-2-deoxy-beta-D-glucopyranose
3 non-polymer 'CALCIUM ION'
4 water water
#
_entity_poly.entity_id   1
_entity_poly.type   'polypeptide(L)'
_entity_poly.pdbx_seq_one_letter_code
;GDDLEVGKNIDESAYSGIYENNAYLRDGKSNLVSKVVELHGETYATTVKMGLSKTPNTATSAKVKIDAAYLETYNKAHNT
DFALYPQDLVTFANEGILTVNANTKSAEVEMTIRAGEGLQEDKTYAIPVAISDQSSDITIKDEDAKHCIYLVKDMRNAGD
AYKGEGVMQGYLFFEVNDVNPLNTLSFQLENGKLLWDVVVLFAANINYDAEAGRPRVQCNPNVQYLLDNNETLLQPLRRR
GVKVLLGLLGNHDITGLAQLSEQGAKDFAREVAQYCKAYNLDGVNYDDEYSNSPDLSNPSLTNPSTAAAARLCYETKQAM
PDKLVTVFDWGQMYGVATVDGVDAKEWIDIVVANYGSAAYPIGQMTKKQCSGISMEFNLGGGGSLSASKAQSMIDGGYGW
FMGFAPSPAKYGSVFSRLQGGGEVLYGSNVAAPTIFYKKNDPTPYKYPDDL
;
_entity_poly.pdbx_strand_id   A
#
# COMPACT_ATOMS: atom_id res chain seq x y z
N GLU A 20 4.38 36.61 -8.23
CA GLU A 20 3.74 35.28 -8.41
C GLU A 20 4.41 34.16 -7.58
N ASN A 21 3.63 33.71 -6.62
CA ASN A 21 3.93 32.77 -5.56
C ASN A 21 3.08 31.52 -5.81
N ASN A 22 3.68 30.43 -6.33
CA ASN A 22 2.86 29.27 -6.69
C ASN A 22 2.56 28.47 -5.45
N ALA A 23 1.30 28.07 -5.32
CA ALA A 23 0.81 27.26 -4.22
C ALA A 23 0.36 25.87 -4.67
N TYR A 24 0.46 24.90 -3.75
CA TYR A 24 -0.17 23.63 -3.99
C TYR A 24 -0.60 23.04 -2.65
N LEU A 25 -1.48 22.03 -2.68
CA LEU A 25 -2.06 21.48 -1.47
C LEU A 25 -1.65 20.05 -1.20
N ARG A 26 -1.43 19.69 0.07
CA ARG A 26 -1.13 18.29 0.40
C ARG A 26 -1.57 18.03 1.82
N ASP A 27 -1.65 16.74 2.18
CA ASP A 27 -1.88 16.39 3.58
C ASP A 27 -0.62 16.71 4.36
N GLY A 28 -0.78 17.46 5.47
CA GLY A 28 0.37 17.92 6.23
C GLY A 28 1.10 16.82 6.98
N LYS A 29 0.39 15.77 7.43
CA LYS A 29 1.04 14.72 8.23
C LYS A 29 1.89 13.80 7.35
N SER A 30 1.34 13.40 6.20
CA SER A 30 1.99 12.47 5.28
C SER A 30 2.78 13.15 4.18
N ASN A 31 2.53 14.41 3.92
CA ASN A 31 3.10 15.15 2.78
C ASN A 31 2.62 14.58 1.46
N LEU A 32 1.50 13.87 1.46
CA LEU A 32 0.96 13.32 0.22
C LEU A 32 -0.19 14.16 -0.32
N VAL A 33 -0.21 14.33 -1.63
CA VAL A 33 -1.33 14.93 -2.34
CA VAL A 33 -1.37 14.97 -2.25
C VAL A 33 -2.55 14.01 -2.38
N SER A 34 -2.35 12.71 -2.25
CA SER A 34 -3.43 11.75 -2.23
C SER A 34 -3.14 10.85 -1.06
N LYS A 35 -4.04 10.81 -0.08
CA LYS A 35 -3.74 10.16 1.22
C LYS A 35 -4.89 9.22 1.56
N VAL A 36 -4.56 7.93 1.77
CA VAL A 36 -5.54 6.95 2.25
C VAL A 36 -5.63 7.08 3.76
N VAL A 37 -6.85 7.24 4.26
CA VAL A 37 -7.13 7.37 5.68
C VAL A 37 -7.88 6.15 6.11
N GLU A 38 -7.33 5.43 7.08
CA GLU A 38 -8.04 4.32 7.70
C GLU A 38 -8.56 4.77 9.04
N LEU A 39 -9.90 4.70 9.21
CA LEU A 39 -10.49 5.14 10.45
C LEU A 39 -10.45 3.91 11.34
N HIS A 40 -9.67 3.96 12.41
CA HIS A 40 -9.65 2.86 13.37
C HIS A 40 -10.40 3.16 14.64
N GLY A 41 -10.92 4.37 14.75
CA GLY A 41 -11.62 4.84 15.89
C GLY A 41 -12.68 5.79 15.39
N GLU A 42 -13.25 6.58 16.28
CA GLU A 42 -14.39 7.38 15.93
C GLU A 42 -13.98 8.68 15.28
N THR A 43 -12.70 9.08 15.43
CA THR A 43 -12.19 10.31 14.86
C THR A 43 -10.80 10.10 14.26
N TYR A 44 -10.48 10.93 13.27
CA TYR A 44 -9.17 10.97 12.64
C TYR A 44 -8.79 12.42 12.39
N ALA A 45 -7.65 12.86 12.91
CA ALA A 45 -7.24 14.24 12.80
C ALA A 45 -5.96 14.36 11.99
N THR A 46 -5.89 15.40 11.17
CA THR A 46 -4.68 15.67 10.39
C THR A 46 -4.62 17.18 10.15
N THR A 47 -3.67 17.63 9.34
CA THR A 47 -3.69 19.02 8.88
C THR A 47 -3.64 18.98 7.36
N VAL A 48 -4.19 20.03 6.75
CA VAL A 48 -4.07 20.28 5.31
C VAL A 48 -3.07 21.41 5.14
N LYS A 49 -2.07 21.21 4.28
CA LYS A 49 -0.96 22.17 4.17
C LYS A 49 -0.83 22.70 2.77
N MET A 50 -0.84 24.03 2.66
CA MET A 50 -0.54 24.72 1.41
C MET A 50 0.96 25.06 1.38
N GLY A 51 1.67 24.58 0.37
CA GLY A 51 3.06 24.93 0.19
C GLY A 51 3.16 26.08 -0.81
N LEU A 52 4.09 26.99 -0.53
CA LEU A 52 4.30 28.20 -1.30
C LEU A 52 5.72 28.19 -1.86
N SER A 53 5.89 28.69 -3.08
CA SER A 53 7.24 28.70 -3.65
C SER A 53 8.08 29.91 -3.21
N LYS A 54 7.48 30.97 -2.70
CA LYS A 54 8.22 32.14 -2.25
C LYS A 54 7.79 32.50 -0.84
N THR A 55 8.63 33.32 -0.17
CA THR A 55 8.27 33.75 1.18
C THR A 55 6.99 34.59 1.12
N PRO A 56 5.96 34.25 1.88
CA PRO A 56 4.73 35.05 1.87
C PRO A 56 4.92 36.40 2.53
N ASN A 57 3.98 37.27 2.28
CA ASN A 57 3.95 38.58 2.93
C ASN A 57 2.80 38.67 3.94
N THR A 58 2.66 39.88 4.51
CA THR A 58 1.69 40.06 5.59
C THR A 58 0.27 39.92 5.09
N ALA A 59 0.05 40.09 3.82
CA ALA A 59 -1.31 40.02 3.36
C ALA A 59 -1.63 38.64 2.80
N THR A 60 -0.66 37.75 2.63
CA THR A 60 -0.93 36.44 2.08
C THR A 60 -1.97 35.66 2.90
N SER A 61 -2.95 35.06 2.22
CA SER A 61 -3.98 34.34 2.92
C SER A 61 -4.59 33.31 1.99
N ALA A 62 -5.20 32.30 2.58
CA ALA A 62 -5.99 31.33 1.81
C ALA A 62 -6.82 30.52 2.80
N LYS A 63 -7.85 29.86 2.25
CA LYS A 63 -8.69 28.93 2.97
C LYS A 63 -8.72 27.62 2.20
N VAL A 64 -9.24 26.61 2.85
CA VAL A 64 -9.54 25.34 2.18
C VAL A 64 -11.02 25.01 2.38
N LYS A 65 -11.55 24.22 1.44
CA LYS A 65 -12.95 23.81 1.50
C LYS A 65 -13.01 22.43 0.87
N ILE A 66 -14.03 21.67 1.25
CA ILE A 66 -14.35 20.47 0.51
C ILE A 66 -14.90 20.89 -0.85
N ASP A 67 -14.41 20.25 -1.91
CA ASP A 67 -14.82 20.61 -3.27
C ASP A 67 -15.55 19.40 -3.84
N ALA A 68 -16.83 19.28 -3.48
CA ALA A 68 -17.59 18.09 -3.90
C ALA A 68 -17.69 17.99 -5.40
N ALA A 69 -17.79 19.14 -6.09
CA ALA A 69 -17.96 19.12 -7.55
C ALA A 69 -16.76 18.51 -8.25
N TYR A 70 -15.58 18.62 -7.67
CA TYR A 70 -14.39 18.09 -8.25
C TYR A 70 -14.36 16.55 -8.23
N LEU A 71 -15.16 15.90 -7.35
CA LEU A 71 -15.08 14.44 -7.29
C LEU A 71 -15.45 13.78 -8.62
N GLU A 72 -16.42 14.31 -9.37
CA GLU A 72 -16.74 13.71 -10.68
C GLU A 72 -15.53 13.82 -11.62
N THR A 73 -14.86 14.99 -11.61
CA THR A 73 -13.68 15.17 -12.43
C THR A 73 -12.58 14.18 -12.04
N TYR A 74 -12.40 14.00 -10.74
CA TYR A 74 -11.36 13.08 -10.26
C TYR A 74 -11.67 11.63 -10.65
N ASN A 75 -12.90 11.19 -10.40
CA ASN A 75 -13.30 9.82 -10.70
C ASN A 75 -13.21 9.54 -12.20
N LYS A 76 -13.56 10.51 -13.03
CA LYS A 76 -13.43 10.29 -14.47
C LYS A 76 -11.97 10.12 -14.84
N ALA A 77 -11.10 10.95 -14.27
CA ALA A 77 -9.69 10.93 -14.60
C ALA A 77 -9.04 9.61 -14.18
N HIS A 78 -9.47 9.05 -13.06
CA HIS A 78 -8.87 7.82 -12.55
C HIS A 78 -9.67 6.57 -12.86
N ASN A 79 -10.80 6.71 -13.54
CA ASN A 79 -11.71 5.61 -13.77
C ASN A 79 -12.05 4.93 -12.45
N THR A 80 -12.35 5.76 -11.42
CA THR A 80 -12.75 5.25 -10.12
C THR A 80 -14.20 5.66 -9.85
N ASP A 81 -14.75 5.19 -8.74
CA ASP A 81 -16.15 5.43 -8.49
C ASP A 81 -16.38 5.77 -7.03
N PHE A 82 -15.45 6.50 -6.44
CA PHE A 82 -15.57 6.78 -5.03
C PHE A 82 -16.77 7.67 -4.75
N ALA A 83 -17.51 7.34 -3.69
CA ALA A 83 -18.56 8.20 -3.22
C ALA A 83 -17.97 9.31 -2.33
N LEU A 84 -18.73 10.42 -2.22
CA LEU A 84 -18.28 11.53 -1.39
C LEU A 84 -18.47 11.18 0.10
N TYR A 85 -17.41 11.33 0.92
CA TYR A 85 -17.60 11.15 2.36
C TYR A 85 -18.57 12.22 2.85
N PRO A 86 -19.50 11.87 3.72
CA PRO A 86 -20.49 12.86 4.17
C PRO A 86 -19.83 14.13 4.69
N GLN A 87 -20.17 15.28 4.09
CA GLN A 87 -19.48 16.53 4.43
C GLN A 87 -19.72 16.94 5.86
N ASP A 88 -20.89 16.61 6.44
CA ASP A 88 -21.17 16.94 7.82
CA ASP A 88 -21.16 16.95 7.82
C ASP A 88 -20.24 16.22 8.78
N LEU A 89 -19.53 15.20 8.35
CA LEU A 89 -18.59 14.49 9.18
C LEU A 89 -17.17 15.07 9.12
N VAL A 90 -16.94 16.11 8.32
CA VAL A 90 -15.60 16.68 8.14
C VAL A 90 -15.63 18.12 8.64
N THR A 91 -14.66 18.47 9.47
CA THR A 91 -14.60 19.84 9.96
CA THR A 91 -14.58 19.81 10.06
C THR A 91 -13.18 20.37 9.88
N PHE A 92 -13.07 21.62 9.44
CA PHE A 92 -11.79 22.30 9.49
C PHE A 92 -11.81 23.22 10.70
N ALA A 93 -10.65 23.33 11.35
CA ALA A 93 -10.56 24.33 12.38
C ALA A 93 -10.60 25.73 11.79
N ASN A 94 -10.97 26.68 12.64
CA ASN A 94 -10.74 28.08 12.35
C ASN A 94 -11.39 28.49 11.02
N GLU A 95 -12.58 27.92 10.75
CA GLU A 95 -13.40 28.17 9.55
C GLU A 95 -12.70 27.81 8.23
N GLY A 96 -11.70 26.93 8.27
CA GLY A 96 -10.95 26.57 7.09
C GLY A 96 -9.88 27.57 6.70
N ILE A 97 -9.64 28.59 7.52
CA ILE A 97 -8.59 29.55 7.22
C ILE A 97 -7.23 28.92 7.50
N LEU A 98 -6.29 29.07 6.55
CA LEU A 98 -4.96 28.49 6.69
C LEU A 98 -4.10 29.48 7.46
N THR A 99 -3.42 29.00 8.50
CA THR A 99 -2.49 29.85 9.26
C THR A 99 -1.15 29.86 8.56
N VAL A 100 -0.71 31.05 8.13
CA VAL A 100 0.52 31.20 7.35
C VAL A 100 1.74 31.19 8.25
N ASN A 101 2.74 30.41 7.86
CA ASN A 101 4.07 30.41 8.51
C ASN A 101 5.06 30.99 7.50
N ALA A 102 5.40 32.29 7.61
CA ALA A 102 6.27 32.85 6.57
C ALA A 102 7.64 32.17 6.52
N ASN A 103 8.12 31.70 7.68
CA ASN A 103 9.47 31.15 7.71
C ASN A 103 9.55 29.78 7.06
N THR A 104 8.44 29.05 6.91
CA THR A 104 8.46 27.73 6.31
C THR A 104 7.72 27.72 4.98
N LYS A 105 7.41 28.90 4.43
CA LYS A 105 6.75 29.02 3.14
C LYS A 105 5.54 28.10 3.06
N SER A 106 4.69 28.14 4.09
CA SER A 106 3.58 27.18 4.12
C SER A 106 2.45 27.76 4.96
N ALA A 107 1.27 27.12 4.85
CA ALA A 107 0.13 27.52 5.66
C ALA A 107 -0.70 26.27 5.88
N GLU A 108 -1.29 26.12 7.08
CA GLU A 108 -1.96 24.88 7.43
C GLU A 108 -3.17 25.12 8.29
N VAL A 109 -4.04 24.10 8.29
CA VAL A 109 -5.20 24.09 9.17
C VAL A 109 -5.54 22.65 9.52
N GLU A 110 -5.98 22.46 10.76
CA GLU A 110 -6.39 21.14 11.22
C GLU A 110 -7.69 20.70 10.55
N MET A 111 -7.77 19.41 10.20
CA MET A 111 -8.99 18.85 9.64
C MET A 111 -9.32 17.61 10.46
N THR A 112 -10.57 17.50 10.89
CA THR A 112 -11.02 16.33 11.62
C THR A 112 -12.07 15.59 10.83
N ILE A 113 -11.87 14.28 10.72
CA ILE A 113 -12.80 13.35 10.08
C ILE A 113 -13.47 12.51 11.16
N ARG A 114 -14.77 12.60 11.28
CA ARG A 114 -15.55 11.77 12.21
C ARG A 114 -16.15 10.57 11.50
N ALA A 115 -16.15 9.42 12.18
CA ALA A 115 -16.82 8.24 11.66
C ALA A 115 -18.31 8.47 11.83
N GLY A 116 -19.07 8.04 10.84
CA GLY A 116 -20.50 8.26 10.79
C GLY A 116 -21.31 6.99 10.84
N GLU A 117 -22.62 7.19 10.81
CA GLU A 117 -23.55 6.08 10.82
C GLU A 117 -24.02 6.07 9.36
N GLY A 118 -24.45 4.92 8.88
CA GLY A 118 -24.92 4.84 7.51
C GLY A 118 -23.81 4.78 6.47
N LEU A 119 -22.54 4.76 6.90
CA LEU A 119 -21.40 4.47 6.03
C LEU A 119 -21.22 2.96 5.92
N GLN A 120 -20.78 2.50 4.74
CA GLN A 120 -20.63 1.07 4.48
C GLN A 120 -19.21 0.61 4.84
N GLU A 121 -19.12 -0.64 5.32
CA GLU A 121 -17.79 -1.23 5.44
C GLU A 121 -17.29 -1.55 4.03
N ASP A 122 -15.98 -1.49 3.89
CA ASP A 122 -15.24 -2.00 2.76
C ASP A 122 -15.53 -1.14 1.52
N LYS A 123 -15.78 0.14 1.73
CA LYS A 123 -16.06 1.11 0.68
CA LYS A 123 -15.97 1.07 0.62
C LYS A 123 -15.13 2.30 0.87
N THR A 124 -14.48 2.78 -0.21
CA THR A 124 -13.64 3.99 -0.10
C THR A 124 -14.44 5.21 -0.47
N TYR A 125 -14.42 6.21 0.43
CA TYR A 125 -15.08 7.47 0.21
C TYR A 125 -14.04 8.55 -0.03
N ALA A 126 -14.44 9.68 -0.63
CA ALA A 126 -13.45 10.70 -0.97
C ALA A 126 -13.75 12.04 -0.27
N ILE A 127 -12.69 12.70 0.19
CA ILE A 127 -12.75 14.10 0.60
C ILE A 127 -11.79 14.87 -0.32
N PRO A 128 -12.31 15.47 -1.38
CA PRO A 128 -11.50 16.35 -2.22
C PRO A 128 -11.45 17.73 -1.59
N VAL A 129 -10.25 18.23 -1.37
CA VAL A 129 -10.05 19.51 -0.72
C VAL A 129 -9.41 20.47 -1.69
N ALA A 130 -9.90 21.70 -1.72
CA ALA A 130 -9.42 22.70 -2.63
C ALA A 130 -8.92 23.91 -1.84
N ILE A 131 -7.87 24.53 -2.38
CA ILE A 131 -7.56 25.91 -1.98
C ILE A 131 -8.67 26.85 -2.46
N SER A 132 -9.04 27.80 -1.60
CA SER A 132 -10.18 28.67 -1.85
CA SER A 132 -10.15 28.70 -1.89
C SER A 132 -9.85 30.07 -1.32
N ASP A 133 -10.35 31.10 -2.00
CA ASP A 133 -10.17 32.48 -1.52
C ASP A 133 -8.73 32.90 -1.31
N GLN A 134 -7.85 32.43 -2.18
CA GLN A 134 -6.46 32.83 -1.98
C GLN A 134 -6.26 34.29 -2.34
N SER A 135 -5.29 34.89 -1.63
CA SER A 135 -4.93 36.28 -1.83
C SER A 135 -4.29 36.44 -3.19
N SER A 136 -4.26 37.68 -3.67
CA SER A 136 -3.87 37.88 -5.04
C SER A 136 -2.38 37.64 -5.31
N ASP A 137 -1.53 37.57 -4.29
CA ASP A 137 -0.12 37.20 -4.49
C ASP A 137 0.07 35.72 -4.75
N ILE A 138 -0.96 34.89 -4.57
CA ILE A 138 -0.81 33.45 -4.77
C ILE A 138 -1.34 33.08 -6.16
N THR A 139 -0.56 32.27 -6.87
CA THR A 139 -0.88 31.69 -8.17
C THR A 139 -1.06 30.17 -8.02
N ILE A 140 -2.15 29.64 -8.56
CA ILE A 140 -2.38 28.21 -8.62
C ILE A 140 -2.27 27.71 -10.05
N LYS A 141 -1.23 26.88 -10.33
CA LYS A 141 -0.90 26.55 -11.72
C LYS A 141 -2.02 25.77 -12.42
N ASP A 142 -2.61 24.80 -11.77
CA ASP A 142 -3.62 23.97 -12.42
C ASP A 142 -4.52 23.35 -11.36
N GLU A 143 -5.45 22.52 -11.80
CA GLU A 143 -6.39 21.90 -10.86
C GLU A 143 -5.71 20.88 -9.96
N ASP A 144 -4.59 20.27 -10.41
CA ASP A 144 -3.87 19.36 -9.54
C ASP A 144 -3.28 20.10 -8.34
N ALA A 145 -2.63 21.23 -8.60
CA ALA A 145 -2.03 21.99 -7.51
C ALA A 145 -3.11 22.55 -6.58
N LYS A 146 -4.31 22.80 -7.12
CA LYS A 146 -5.38 23.38 -6.32
C LYS A 146 -5.90 22.40 -5.26
N HIS A 147 -5.74 21.10 -5.47
CA HIS A 147 -6.42 20.09 -4.69
C HIS A 147 -5.47 19.12 -4.02
N CYS A 148 -5.92 18.56 -2.90
CA CYS A 148 -5.45 17.28 -2.40
C CYS A 148 -6.68 16.42 -2.16
N ILE A 149 -6.47 15.14 -1.88
CA ILE A 149 -7.61 14.25 -1.72
C ILE A 149 -7.32 13.26 -0.60
N TYR A 150 -8.34 13.01 0.23
CA TYR A 150 -8.33 11.95 1.23
C TYR A 150 -9.26 10.84 0.78
N LEU A 151 -8.77 9.59 0.85
CA LEU A 151 -9.55 8.42 0.45
C LEU A 151 -9.79 7.65 1.72
N VAL A 152 -11.03 7.69 2.21
CA VAL A 152 -11.36 7.29 3.60
C VAL A 152 -12.00 5.93 3.60
N LYS A 153 -11.50 5.07 4.46
CA LYS A 153 -12.07 3.73 4.68
C LYS A 153 -12.40 3.56 6.16
N ASP A 154 -13.59 3.07 6.46
CA ASP A 154 -13.97 2.79 7.85
C ASP A 154 -13.39 1.44 8.21
N MET A 155 -12.43 1.44 9.15
CA MET A 155 -11.78 0.20 9.56
C MET A 155 -12.10 -0.15 11.01
N ARG A 156 -13.15 0.45 11.59
CA ARG A 156 -13.36 0.27 13.01
C ARG A 156 -13.64 -1.18 13.36
N ASN A 157 -14.38 -1.89 12.48
CA ASN A 157 -14.72 -3.29 12.76
C ASN A 157 -13.76 -4.32 12.20
N ALA A 158 -12.86 -3.92 11.34
CA ALA A 158 -11.94 -4.84 10.69
C ALA A 158 -10.63 -4.52 11.36
N GLY A 159 -10.70 -4.55 12.71
CA GLY A 159 -9.63 -4.08 13.60
C GLY A 159 -8.59 -5.05 14.12
N ASP A 160 -8.57 -6.31 13.70
CA ASP A 160 -7.76 -7.30 14.45
C ASP A 160 -6.29 -7.33 14.07
N ALA A 161 -5.91 -6.73 12.93
CA ALA A 161 -4.51 -6.59 12.53
C ALA A 161 -3.96 -5.26 12.98
N TYR A 162 -4.79 -4.38 13.51
CA TYR A 162 -4.32 -3.04 13.85
C TYR A 162 -3.72 -3.06 15.26
N LYS A 163 -2.40 -2.90 15.32
CA LYS A 163 -1.71 -3.00 16.60
C LYS A 163 -1.35 -1.63 17.17
N GLY A 164 -1.84 -0.55 16.60
CA GLY A 164 -1.56 0.66 17.32
C GLY A 164 -0.87 1.65 16.42
N GLU A 165 -0.82 2.90 16.86
CA GLU A 165 -0.15 3.97 16.13
C GLU A 165 1.37 3.85 16.24
N GLY A 166 2.00 3.87 15.09
CA GLY A 166 3.45 3.95 14.95
C GLY A 166 4.22 2.69 15.16
N VAL A 167 3.57 1.57 15.38
CA VAL A 167 4.28 0.31 15.51
C VAL A 167 4.76 -0.19 14.14
N MET A 168 5.74 -1.08 14.18
CA MET A 168 6.13 -1.81 12.95
C MET A 168 5.01 -2.76 12.53
N GLN A 169 4.94 -3.01 11.25
CA GLN A 169 3.86 -3.83 10.66
C GLN A 169 4.50 -4.96 9.87
N GLY A 170 3.74 -6.05 9.72
CA GLY A 170 4.21 -7.23 9.02
C GLY A 170 3.73 -7.35 7.60
N TYR A 171 4.61 -7.90 6.77
CA TYR A 171 4.34 -8.09 5.34
C TYR A 171 4.76 -9.51 4.99
N LEU A 172 3.81 -10.35 4.61
CA LEU A 172 4.07 -11.79 4.46
C LEU A 172 3.69 -12.28 3.06
N PHE A 173 4.59 -12.99 2.41
CA PHE A 173 4.29 -13.64 1.13
C PHE A 173 3.92 -15.09 1.37
N PHE A 174 2.82 -15.54 0.76
CA PHE A 174 2.50 -16.98 0.71
C PHE A 174 2.84 -17.53 -0.68
N GLU A 175 3.58 -18.63 -0.70
CA GLU A 175 3.74 -19.37 -1.97
C GLU A 175 2.43 -20.14 -2.13
N VAL A 176 1.46 -19.53 -2.84
CA VAL A 176 0.12 -20.11 -2.83
C VAL A 176 0.04 -21.36 -3.70
N ASN A 177 1.09 -21.71 -4.45
CA ASN A 177 1.13 -23.02 -5.07
C ASN A 177 1.00 -24.09 -4.02
N ASP A 178 1.50 -23.80 -2.79
CA ASP A 178 1.64 -24.83 -1.77
C ASP A 178 0.89 -24.57 -0.47
N VAL A 179 0.66 -23.31 -0.10
CA VAL A 179 0.17 -22.96 1.23
C VAL A 179 -1.07 -22.07 1.13
N ASN A 180 -2.10 -22.42 1.92
CA ASN A 180 -3.34 -21.67 2.04
C ASN A 180 -3.07 -20.35 2.80
N PRO A 181 -3.41 -19.19 2.23
CA PRO A 181 -3.14 -17.91 2.92
C PRO A 181 -4.00 -17.72 4.15
N LEU A 182 -5.04 -18.56 4.38
CA LEU A 182 -5.72 -18.49 5.68
C LEU A 182 -4.76 -18.78 6.82
N ASN A 183 -3.60 -19.41 6.54
CA ASN A 183 -2.59 -19.56 7.61
C ASN A 183 -2.10 -18.24 8.18
N THR A 184 -2.41 -17.10 7.53
CA THR A 184 -2.20 -15.82 8.19
C THR A 184 -2.79 -15.83 9.59
N LEU A 185 -3.96 -16.50 9.76
CA LEU A 185 -4.72 -16.51 11.02
C LEU A 185 -4.05 -17.36 12.10
N SER A 186 -3.02 -18.13 11.74
CA SER A 186 -2.23 -18.88 12.74
C SER A 186 -1.35 -17.98 13.59
N PHE A 187 -1.15 -16.73 13.18
CA PHE A 187 -0.17 -15.83 13.80
C PHE A 187 -0.84 -14.70 14.57
N GLN A 188 -0.92 -14.85 15.88
CA GLN A 188 -1.50 -13.83 16.74
C GLN A 188 -0.53 -13.57 17.87
N LEU A 189 -0.58 -12.33 18.38
CA LEU A 189 0.12 -12.05 19.63
C LEU A 189 -0.63 -12.66 20.79
N GLU A 190 0.05 -12.71 21.94
CA GLU A 190 -0.64 -13.16 23.14
CA GLU A 190 -0.65 -13.15 23.14
C GLU A 190 -1.83 -12.24 23.45
N ASN A 191 -1.77 -10.96 23.01
CA ASN A 191 -2.91 -10.08 23.30
C ASN A 191 -4.04 -10.24 22.27
N GLY A 192 -3.93 -11.22 21.38
CA GLY A 192 -4.90 -11.62 20.37
C GLY A 192 -4.82 -10.93 19.00
N LYS A 193 -4.05 -9.83 18.86
CA LYS A 193 -3.89 -9.15 17.57
C LYS A 193 -3.22 -10.04 16.52
N LEU A 194 -3.62 -9.89 15.26
CA LEU A 194 -2.97 -10.63 14.17
C LEU A 194 -1.64 -9.95 13.84
N LEU A 195 -0.61 -10.76 13.67
CA LEU A 195 0.75 -10.24 13.43
C LEU A 195 0.90 -9.59 12.06
N TRP A 196 0.37 -10.21 11.00
CA TRP A 196 0.74 -9.86 9.63
C TRP A 196 -0.29 -8.88 9.04
N ASP A 197 0.09 -7.61 9.03
CA ASP A 197 -0.80 -6.57 8.52
C ASP A 197 -1.12 -6.72 7.05
N VAL A 198 -0.15 -7.18 6.26
CA VAL A 198 -0.26 -7.26 4.79
C VAL A 198 0.22 -8.62 4.36
N VAL A 199 -0.55 -9.31 3.46
CA VAL A 199 -0.11 -10.58 2.92
C VAL A 199 -0.19 -10.53 1.41
N VAL A 200 0.72 -11.25 0.78
CA VAL A 200 0.81 -11.30 -0.68
C VAL A 200 0.52 -12.70 -1.20
N LEU A 201 -0.33 -12.78 -2.21
CA LEU A 201 -0.58 -14.03 -2.90
C LEU A 201 0.48 -14.19 -3.99
N PHE A 202 1.51 -14.99 -3.72
CA PHE A 202 2.66 -15.06 -4.61
C PHE A 202 2.53 -16.33 -5.47
N ALA A 203 2.31 -16.19 -6.79
CA ALA A 203 2.18 -14.89 -7.49
C ALA A 203 1.40 -15.16 -8.79
N ALA A 204 0.57 -14.19 -9.18
CA ALA A 204 0.12 -14.09 -10.56
C ALA A 204 1.33 -13.66 -11.38
N ASN A 205 1.20 -13.81 -12.70
CA ASN A 205 2.30 -13.52 -13.64
C ASN A 205 1.96 -12.43 -14.64
N ILE A 206 2.98 -11.77 -15.14
CA ILE A 206 2.87 -11.02 -16.38
C ILE A 206 3.35 -11.92 -17.52
N ASN A 207 2.54 -12.01 -18.57
CA ASN A 207 2.89 -12.85 -19.71
C ASN A 207 2.37 -12.22 -20.98
N TYR A 208 2.91 -12.63 -22.12
CA TYR A 208 2.45 -12.04 -23.39
C TYR A 208 1.16 -12.70 -23.86
N ASP A 209 0.20 -11.86 -24.26
CA ASP A 209 -1.05 -12.31 -24.89
C ASP A 209 -0.95 -12.00 -26.39
N ALA A 210 -0.72 -13.03 -27.20
CA ALA A 210 -0.55 -12.80 -28.63
C ALA A 210 -1.83 -12.26 -29.27
N GLU A 211 -2.99 -12.78 -28.85
CA GLU A 211 -4.28 -12.34 -29.40
C GLU A 211 -4.54 -10.84 -29.20
N ALA A 212 -4.01 -10.23 -28.12
CA ALA A 212 -4.17 -8.79 -27.87
C ALA A 212 -2.96 -7.95 -28.24
N GLY A 213 -1.81 -8.59 -28.52
CA GLY A 213 -0.50 -7.99 -28.81
C GLY A 213 0.09 -7.17 -27.69
N ARG A 214 -0.24 -7.55 -26.46
CA ARG A 214 0.15 -6.87 -25.25
C ARG A 214 0.33 -7.86 -24.10
N PRO A 215 1.02 -7.47 -23.07
CA PRO A 215 1.02 -8.29 -21.85
C PRO A 215 -0.36 -8.45 -21.22
N ARG A 216 -0.51 -9.50 -20.41
CA ARG A 216 -1.75 -9.68 -19.65
C ARG A 216 -1.36 -10.27 -18.30
N VAL A 217 -2.29 -10.13 -17.34
CA VAL A 217 -2.15 -10.90 -16.10
C VAL A 217 -2.47 -12.36 -16.39
N GLN A 218 -1.56 -13.29 -16.00
CA GLN A 218 -1.80 -14.70 -16.21
C GLN A 218 -1.75 -15.39 -14.85
N CYS A 219 -2.84 -16.09 -14.48
CA CYS A 219 -2.94 -16.69 -13.15
C CYS A 219 -2.86 -18.20 -13.36
N ASN A 220 -1.92 -18.84 -12.67
CA ASN A 220 -1.82 -20.28 -12.64
C ASN A 220 -3.02 -20.84 -11.90
N PRO A 221 -3.24 -22.16 -11.97
CA PRO A 221 -4.46 -22.72 -11.38
C PRO A 221 -4.58 -22.53 -9.89
N ASN A 222 -3.46 -22.44 -9.17
CA ASN A 222 -3.53 -22.22 -7.73
C ASN A 222 -3.96 -20.78 -7.42
N VAL A 223 -3.36 -19.81 -8.13
CA VAL A 223 -3.78 -18.42 -7.98
C VAL A 223 -5.25 -18.27 -8.35
N GLN A 224 -5.63 -18.85 -9.48
CA GLN A 224 -7.00 -18.71 -9.96
C GLN A 224 -7.99 -19.32 -8.97
N TYR A 225 -7.63 -20.44 -8.35
CA TYR A 225 -8.52 -21.07 -7.38
C TYR A 225 -8.76 -20.15 -6.19
N LEU A 226 -7.71 -19.46 -5.71
CA LEU A 226 -7.91 -18.51 -4.61
C LEU A 226 -8.81 -17.36 -5.04
N LEU A 227 -8.60 -16.84 -6.25
CA LEU A 227 -9.43 -15.73 -6.66
C LEU A 227 -10.87 -16.17 -6.80
N ASP A 228 -11.07 -17.33 -7.47
CA ASP A 228 -12.41 -17.83 -7.65
C ASP A 228 -13.10 -18.04 -6.31
N ASN A 229 -12.35 -18.47 -5.30
CA ASN A 229 -12.87 -18.76 -3.98
C ASN A 229 -12.51 -17.67 -2.98
N ASN A 230 -12.41 -16.43 -3.46
CA ASN A 230 -11.95 -15.38 -2.57
C ASN A 230 -12.90 -15.18 -1.39
N GLU A 231 -14.21 -15.49 -1.57
CA GLU A 231 -15.13 -15.30 -0.44
C GLU A 231 -14.71 -16.10 0.79
N THR A 232 -14.22 -17.33 0.59
CA THR A 232 -13.94 -18.22 1.71
C THR A 232 -12.46 -18.29 2.07
N LEU A 233 -11.55 -18.01 1.10
CA LEU A 233 -10.12 -18.19 1.34
C LEU A 233 -9.36 -16.89 1.44
N LEU A 234 -9.97 -15.74 1.07
CA LEU A 234 -9.23 -14.47 1.12
C LEU A 234 -9.99 -13.43 1.92
N GLN A 235 -11.30 -13.30 1.69
CA GLN A 235 -12.06 -12.27 2.41
C GLN A 235 -12.06 -12.44 3.93
N PRO A 236 -11.97 -13.65 4.50
CA PRO A 236 -11.89 -13.73 5.99
C PRO A 236 -10.67 -13.02 6.53
N LEU A 237 -9.61 -12.94 5.74
CA LEU A 237 -8.45 -12.15 6.19
C LEU A 237 -8.79 -10.68 6.22
N ARG A 238 -9.44 -10.19 5.16
CA ARG A 238 -9.77 -8.78 5.06
C ARG A 238 -10.79 -8.35 6.12
N ARG A 239 -11.74 -9.25 6.44
CA ARG A 239 -12.73 -8.97 7.48
C ARG A 239 -12.04 -8.67 8.80
N ARG A 240 -10.85 -9.27 9.03
CA ARG A 240 -10.15 -9.01 10.29
C ARG A 240 -9.10 -7.95 10.15
N GLY A 241 -9.07 -7.25 9.00
CA GLY A 241 -8.22 -6.08 8.81
C GLY A 241 -6.93 -6.35 8.08
N VAL A 242 -6.67 -7.60 7.65
CA VAL A 242 -5.44 -7.92 6.92
C VAL A 242 -5.60 -7.41 5.50
N LYS A 243 -4.58 -6.76 4.98
CA LYS A 243 -4.61 -6.36 3.56
C LYS A 243 -4.11 -7.51 2.72
N VAL A 244 -4.84 -7.87 1.65
CA VAL A 244 -4.46 -8.99 0.81
C VAL A 244 -4.03 -8.42 -0.53
N LEU A 245 -2.75 -8.66 -0.90
CA LEU A 245 -2.27 -8.12 -2.17
C LEU A 245 -2.11 -9.25 -3.16
N LEU A 246 -2.32 -8.94 -4.45
CA LEU A 246 -1.99 -9.89 -5.50
C LEU A 246 -0.51 -9.71 -5.84
N GLY A 247 0.27 -10.78 -5.76
CA GLY A 247 1.65 -10.68 -6.23
C GLY A 247 1.68 -10.80 -7.75
N LEU A 248 2.52 -9.99 -8.38
CA LEU A 248 2.83 -10.12 -9.80
C LEU A 248 4.31 -10.42 -9.93
N LEU A 249 4.63 -11.33 -10.86
CA LEU A 249 5.98 -11.85 -11.04
C LEU A 249 6.21 -12.12 -12.52
N GLY A 250 7.43 -11.84 -13.01
CA GLY A 250 7.78 -12.19 -14.37
C GLY A 250 7.72 -13.70 -14.57
N ASN A 251 7.68 -14.12 -15.82
CA ASN A 251 7.35 -15.53 -16.04
C ASN A 251 7.80 -16.02 -17.41
N HIS A 252 9.06 -15.73 -17.75
CA HIS A 252 9.80 -16.45 -18.79
C HIS A 252 9.26 -16.17 -20.18
N ASP A 253 8.89 -14.92 -20.46
CA ASP A 253 8.67 -14.53 -21.85
C ASP A 253 9.10 -13.09 -22.02
N ILE A 254 8.77 -12.50 -23.17
CA ILE A 254 9.24 -11.16 -23.50
C ILE A 254 8.67 -10.06 -22.62
N THR A 255 7.65 -10.32 -21.80
CA THR A 255 7.05 -9.28 -20.97
C THR A 255 7.67 -9.25 -19.59
N GLY A 256 7.65 -8.08 -18.99
CA GLY A 256 8.20 -7.98 -17.64
C GLY A 256 7.82 -6.68 -17.00
N LEU A 257 7.91 -6.66 -15.66
CA LEU A 257 7.42 -5.53 -14.86
C LEU A 257 8.32 -4.29 -14.91
N ALA A 258 9.54 -4.44 -15.42
CA ALA A 258 10.49 -3.35 -15.59
C ALA A 258 10.78 -3.14 -17.08
N GLN A 259 9.91 -3.59 -17.98
CA GLN A 259 10.20 -3.39 -19.39
C GLN A 259 8.93 -3.07 -20.21
N LEU A 260 7.97 -2.43 -19.58
CA LEU A 260 6.80 -1.93 -20.29
C LEU A 260 7.05 -0.49 -20.72
N SER A 261 6.64 -0.15 -21.95
CA SER A 261 6.63 1.24 -22.40
C SER A 261 5.61 2.06 -21.59
N GLU A 262 5.57 3.38 -21.82
CA GLU A 262 4.59 4.17 -21.11
C GLU A 262 3.16 3.65 -21.40
N GLN A 263 2.84 3.45 -22.68
CA GLN A 263 1.53 2.93 -23.04
C GLN A 263 1.31 1.53 -22.50
N GLY A 264 2.32 0.67 -22.62
CA GLY A 264 2.19 -0.69 -22.11
C GLY A 264 1.94 -0.71 -20.61
N ALA A 265 2.61 0.19 -19.88
CA ALA A 265 2.43 0.26 -18.43
C ALA A 265 1.03 0.78 -18.08
N LYS A 266 0.57 1.80 -18.80
CA LYS A 266 -0.78 2.29 -18.55
C LYS A 266 -1.78 1.16 -18.72
N ASP A 267 -1.68 0.37 -19.80
CA ASP A 267 -2.64 -0.71 -20.02
C ASP A 267 -2.53 -1.81 -18.99
N PHE A 268 -1.31 -2.20 -18.65
CA PHE A 268 -1.15 -3.29 -17.69
C PHE A 268 -1.59 -2.84 -16.28
N ALA A 269 -1.31 -1.60 -15.93
CA ALA A 269 -1.77 -1.07 -14.65
C ALA A 269 -3.29 -1.17 -14.53
N ARG A 270 -4.00 -0.86 -15.60
CA ARG A 270 -5.47 -0.95 -15.55
C ARG A 270 -5.93 -2.39 -15.34
N GLU A 271 -5.26 -3.38 -15.97
CA GLU A 271 -5.62 -4.78 -15.75
C GLU A 271 -5.39 -5.20 -14.31
N VAL A 272 -4.25 -4.78 -13.73
CA VAL A 272 -4.00 -5.10 -12.32
C VAL A 272 -5.09 -4.48 -11.46
N ALA A 273 -5.41 -3.21 -11.70
CA ALA A 273 -6.46 -2.57 -10.91
C ALA A 273 -7.79 -3.28 -11.08
N GLN A 274 -8.07 -3.77 -12.29
CA GLN A 274 -9.31 -4.51 -12.51
C GLN A 274 -9.34 -5.83 -11.71
N TYR A 275 -8.20 -6.53 -11.60
CA TYR A 275 -8.18 -7.70 -10.71
C TYR A 275 -8.45 -7.31 -9.28
N CYS A 276 -7.84 -6.22 -8.80
CA CYS A 276 -8.02 -5.89 -7.40
C CYS A 276 -9.45 -5.45 -7.12
N LYS A 277 -10.11 -4.85 -8.12
CA LYS A 277 -11.53 -4.51 -7.94
C LYS A 277 -12.42 -5.75 -8.02
N ALA A 278 -12.21 -6.59 -9.05
CA ALA A 278 -13.09 -7.76 -9.28
C ALA A 278 -13.08 -8.72 -8.11
N TYR A 279 -11.91 -8.91 -7.51
CA TYR A 279 -11.75 -9.86 -6.43
C TYR A 279 -11.64 -9.21 -5.05
N ASN A 280 -11.89 -7.91 -4.99
CA ASN A 280 -11.94 -7.15 -3.76
C ASN A 280 -10.71 -7.40 -2.90
N LEU A 281 -9.55 -7.03 -3.49
CA LEU A 281 -8.23 -7.13 -2.90
C LEU A 281 -7.71 -5.70 -2.60
N ASP A 282 -6.53 -5.66 -1.97
CA ASP A 282 -6.04 -4.42 -1.41
C ASP A 282 -4.82 -3.83 -2.11
N GLY A 283 -4.39 -4.40 -3.20
CA GLY A 283 -3.28 -3.82 -3.93
C GLY A 283 -2.39 -4.92 -4.48
N VAL A 284 -1.12 -4.57 -4.78
CA VAL A 284 -0.24 -5.42 -5.58
CA VAL A 284 -0.27 -5.54 -5.46
C VAL A 284 1.16 -5.40 -4.98
N ASN A 285 1.92 -6.48 -5.23
CA ASN A 285 3.36 -6.51 -5.08
C ASN A 285 3.93 -6.76 -6.47
N TYR A 286 4.92 -5.96 -6.87
CA TYR A 286 5.64 -6.19 -8.11
C TYR A 286 7.03 -6.76 -7.83
N ASP A 287 7.34 -7.88 -8.46
CA ASP A 287 8.63 -8.57 -8.34
C ASP A 287 9.20 -8.81 -9.72
N ASP A 288 10.26 -8.05 -10.06
CA ASP A 288 10.88 -8.11 -11.37
C ASP A 288 11.91 -9.23 -11.40
N GLU A 289 11.43 -10.44 -11.65
CA GLU A 289 12.27 -11.60 -11.83
C GLU A 289 11.66 -12.52 -12.88
N TYR A 290 12.54 -13.23 -13.56
CA TYR A 290 12.23 -14.39 -14.43
C TYR A 290 11.77 -13.92 -15.82
N SER A 291 11.76 -12.64 -16.11
CA SER A 291 11.40 -12.26 -17.48
C SER A 291 12.57 -12.44 -18.43
N ASN A 292 12.26 -12.64 -19.70
CA ASN A 292 13.30 -12.66 -20.71
C ASN A 292 13.40 -11.30 -21.34
N SER A 293 14.31 -11.19 -22.34
CA SER A 293 14.53 -9.90 -22.97
C SER A 293 13.29 -9.52 -23.78
N PRO A 294 12.92 -8.24 -23.78
CA PRO A 294 11.71 -7.80 -24.49
C PRO A 294 11.93 -7.78 -25.99
N ASP A 295 10.81 -7.87 -26.71
CA ASP A 295 10.78 -7.55 -28.15
C ASP A 295 10.59 -6.04 -28.29
N LEU A 296 11.69 -5.33 -28.61
CA LEU A 296 11.62 -3.87 -28.65
C LEU A 296 10.74 -3.32 -29.80
N SER A 297 10.35 -4.15 -30.78
CA SER A 297 9.45 -3.69 -31.83
C SER A 297 8.01 -3.65 -31.39
N ASN A 298 7.70 -4.26 -30.21
CA ASN A 298 6.35 -4.25 -29.70
C ASN A 298 6.13 -2.94 -28.95
N PRO A 299 5.10 -2.18 -29.29
CA PRO A 299 4.92 -0.85 -28.67
CA PRO A 299 4.92 -0.85 -28.67
C PRO A 299 4.56 -0.89 -27.20
N SER A 300 4.16 -2.06 -26.66
CA SER A 300 3.87 -2.15 -25.24
CA SER A 300 3.88 -2.24 -25.24
C SER A 300 5.14 -2.35 -24.40
N LEU A 301 6.29 -2.57 -25.05
CA LEU A 301 7.52 -2.95 -24.35
C LEU A 301 8.59 -1.91 -24.63
N THR A 302 9.64 -1.96 -23.79
CA THR A 302 10.73 -1.00 -23.93
C THR A 302 11.99 -1.61 -23.34
N ASN A 303 13.13 -0.87 -23.43
CA ASN A 303 14.37 -1.37 -22.84
C ASN A 303 14.14 -1.58 -21.37
N PRO A 304 14.56 -2.73 -20.79
CA PRO A 304 14.35 -2.94 -19.34
C PRO A 304 15.06 -1.86 -18.56
N SER A 305 14.40 -1.34 -17.54
CA SER A 305 15.03 -0.26 -16.79
C SER A 305 14.21 0.06 -15.56
N THR A 306 14.88 0.64 -14.60
CA THR A 306 14.23 1.06 -13.38
C THR A 306 13.25 2.22 -13.66
N ALA A 307 13.52 3.00 -14.73
CA ALA A 307 12.58 4.02 -15.12
C ALA A 307 11.27 3.43 -15.60
N ALA A 308 11.35 2.30 -16.33
CA ALA A 308 10.12 1.65 -16.80
C ALA A 308 9.36 1.04 -15.64
N ALA A 309 10.09 0.46 -14.68
CA ALA A 309 9.44 -0.06 -13.47
C ALA A 309 8.72 1.04 -12.71
N ALA A 310 9.38 2.19 -12.53
CA ALA A 310 8.74 3.31 -11.81
C ALA A 310 7.50 3.77 -12.56
N ARG A 311 7.59 3.85 -13.90
CA ARG A 311 6.40 4.17 -14.71
C ARG A 311 5.24 3.21 -14.41
N LEU A 312 5.51 1.90 -14.36
CA LEU A 312 4.43 0.97 -14.04
C LEU A 312 3.89 1.22 -12.63
N CYS A 313 4.75 1.48 -11.65
CA CYS A 313 4.25 1.75 -10.30
C CYS A 313 3.36 2.99 -10.28
N TYR A 314 3.81 4.06 -10.95
CA TYR A 314 3.06 5.31 -11.00
C TYR A 314 1.71 5.08 -11.66
N GLU A 315 1.72 4.39 -12.81
CA GLU A 315 0.43 4.16 -13.50
C GLU A 315 -0.50 3.28 -12.71
N THR A 316 0.04 2.30 -11.97
CA THR A 316 -0.80 1.46 -11.15
C THR A 316 -1.42 2.25 -10.02
N LYS A 317 -0.65 3.11 -9.37
CA LYS A 317 -1.25 3.92 -8.32
C LYS A 317 -2.35 4.83 -8.89
N GLN A 318 -2.15 5.38 -10.10
CA GLN A 318 -3.21 6.20 -10.68
C GLN A 318 -4.48 5.40 -10.94
N ALA A 319 -4.33 4.13 -11.30
CA ALA A 319 -5.49 3.29 -11.59
C ALA A 319 -6.18 2.76 -10.31
N MET A 320 -5.46 2.70 -9.19
CA MET A 320 -6.07 2.26 -7.92
C MET A 320 -5.48 3.07 -6.79
N PRO A 321 -5.85 4.34 -6.72
CA PRO A 321 -5.21 5.24 -5.76
C PRO A 321 -5.50 4.89 -4.32
N ASP A 322 -6.59 4.21 -4.01
N ASP A 322 -6.61 4.17 -4.12
CA ASP A 322 -6.79 3.86 -2.62
CA ASP A 322 -7.11 3.68 -2.85
C ASP A 322 -6.09 2.57 -2.24
C ASP A 322 -6.41 2.42 -2.38
N LYS A 323 -5.52 1.84 -3.20
CA LYS A 323 -4.93 0.54 -2.89
C LYS A 323 -3.42 0.62 -2.83
N LEU A 324 -2.79 -0.41 -2.30
CA LEU A 324 -1.36 -0.37 -2.05
C LEU A 324 -0.60 -0.75 -3.30
N VAL A 325 0.44 0.04 -3.63
CA VAL A 325 1.40 -0.34 -4.70
C VAL A 325 2.72 -0.61 -4.01
N THR A 326 3.19 -1.87 -4.06
CA THR A 326 4.36 -2.27 -3.28
C THR A 326 5.32 -3.04 -4.17
N VAL A 327 6.62 -3.02 -3.82
CA VAL A 327 7.63 -3.64 -4.67
C VAL A 327 8.59 -4.45 -3.84
N PHE A 328 9.07 -5.55 -4.45
CA PHE A 328 10.31 -6.23 -4.01
C PHE A 328 11.49 -5.51 -4.61
N ASP A 329 12.43 -5.08 -3.75
CA ASP A 329 13.63 -4.43 -4.30
C ASP A 329 14.63 -5.45 -4.83
N TRP A 330 14.46 -5.84 -6.09
CA TRP A 330 15.31 -6.84 -6.73
C TRP A 330 15.21 -6.55 -8.21
N GLY A 331 16.19 -6.98 -8.97
CA GLY A 331 16.11 -6.71 -10.39
C GLY A 331 16.07 -5.21 -10.67
N GLN A 332 15.21 -4.79 -11.61
CA GLN A 332 15.15 -3.36 -11.96
C GLN A 332 13.85 -2.74 -11.44
N MET A 333 13.29 -3.29 -10.35
CA MET A 333 11.95 -2.85 -9.96
C MET A 333 11.90 -1.51 -9.20
N TYR A 334 13.01 -1.08 -8.60
CA TYR A 334 12.99 0.02 -7.65
C TYR A 334 14.22 0.90 -7.76
N GLY A 335 14.00 2.23 -7.72
CA GLY A 335 15.15 3.11 -7.65
C GLY A 335 15.00 4.47 -8.31
N VAL A 336 14.11 4.59 -9.30
CA VAL A 336 13.84 5.89 -9.91
C VAL A 336 12.82 6.61 -9.06
N ALA A 337 13.09 7.88 -8.73
CA ALA A 337 12.35 8.45 -7.62
C ALA A 337 11.25 9.40 -8.04
N THR A 338 11.08 9.67 -9.33
CA THR A 338 10.02 10.57 -9.80
C THR A 338 9.53 10.07 -11.16
N VAL A 339 8.21 10.20 -11.40
CA VAL A 339 7.63 9.95 -12.74
C VAL A 339 6.73 11.15 -13.09
N ASP A 340 7.00 11.79 -14.24
CA ASP A 340 6.17 12.93 -14.69
C ASP A 340 6.09 13.96 -13.55
N GLY A 341 7.20 14.18 -12.84
CA GLY A 341 7.25 15.14 -11.74
C GLY A 341 6.60 14.71 -10.45
N VAL A 342 6.17 13.48 -10.33
CA VAL A 342 5.46 12.99 -9.13
C VAL A 342 6.44 12.10 -8.38
N ASP A 343 6.66 12.46 -7.12
CA ASP A 343 7.63 11.75 -6.28
C ASP A 343 7.12 10.39 -5.88
N ALA A 344 8.06 9.46 -5.70
CA ALA A 344 7.77 8.08 -5.32
C ALA A 344 6.93 7.96 -4.05
N LYS A 345 6.96 8.96 -3.15
CA LYS A 345 6.12 8.87 -1.95
C LYS A 345 4.65 8.69 -2.35
N GLU A 346 4.27 9.17 -3.53
CA GLU A 346 2.89 9.09 -3.96
C GLU A 346 2.54 7.74 -4.57
N TRP A 347 3.52 6.91 -4.96
CA TRP A 347 3.19 5.68 -5.68
C TRP A 347 4.00 4.46 -5.27
N ILE A 348 4.86 4.55 -4.24
CA ILE A 348 5.40 3.34 -3.57
CA ILE A 348 5.38 3.34 -3.58
C ILE A 348 4.95 3.40 -2.13
N ASP A 349 4.00 2.53 -1.77
CA ASP A 349 3.54 2.50 -0.39
C ASP A 349 4.44 1.70 0.53
N ILE A 350 4.97 0.59 0.04
CA ILE A 350 5.86 -0.32 0.82
C ILE A 350 6.90 -0.88 -0.12
N VAL A 351 8.17 -0.88 0.31
CA VAL A 351 9.21 -1.57 -0.43
C VAL A 351 9.85 -2.56 0.56
N VAL A 352 9.98 -3.80 0.13
CA VAL A 352 10.60 -4.86 0.94
C VAL A 352 11.82 -5.34 0.19
N ALA A 353 12.86 -5.69 0.94
CA ALA A 353 14.14 -5.98 0.31
C ALA A 353 14.43 -7.48 0.33
N ASN A 354 15.48 -7.84 -0.40
CA ASN A 354 15.94 -9.22 -0.47
C ASN A 354 16.36 -9.73 0.92
N TYR A 355 16.30 -11.06 1.12
CA TYR A 355 16.67 -11.63 2.43
C TYR A 355 18.07 -11.22 2.85
N GLY A 356 18.17 -10.71 4.08
CA GLY A 356 19.43 -10.26 4.59
C GLY A 356 19.71 -8.78 4.43
N SER A 357 18.88 -8.04 3.69
CA SER A 357 19.12 -6.61 3.56
CA SER A 357 19.06 -6.62 3.46
C SER A 357 17.94 -5.85 4.12
N ALA A 358 18.14 -4.54 4.26
CA ALA A 358 17.07 -3.64 4.63
C ALA A 358 16.76 -2.78 3.43
N ALA A 359 15.47 -2.49 3.24
CA ALA A 359 15.10 -1.59 2.14
C ALA A 359 15.50 -0.15 2.45
N TYR A 360 15.59 0.69 1.39
CA TYR A 360 15.95 2.08 1.62
C TYR A 360 14.92 2.90 0.87
N PRO A 361 14.64 4.10 1.35
CA PRO A 361 13.67 4.98 0.68
C PRO A 361 14.29 5.75 -0.45
N ILE A 362 13.43 6.09 -1.41
CA ILE A 362 13.84 7.00 -2.48
C ILE A 362 12.90 8.19 -2.54
N GLY A 363 13.33 9.22 -3.22
CA GLY A 363 12.52 10.43 -3.29
C GLY A 363 12.30 10.99 -1.90
N GLN A 364 11.02 11.28 -1.61
CA GLN A 364 10.62 11.79 -0.30
C GLN A 364 10.03 10.70 0.57
N MET A 365 10.21 9.42 0.18
CA MET A 365 9.82 8.33 1.10
C MET A 365 10.67 8.43 2.36
N THR A 366 10.17 7.79 3.41
CA THR A 366 10.92 7.60 4.65
C THR A 366 11.12 6.11 4.88
N LYS A 367 11.92 5.80 5.90
CA LYS A 367 12.08 4.40 6.25
CA LYS A 367 12.07 4.38 6.25
C LYS A 367 10.80 3.78 6.80
N LYS A 368 9.77 4.59 7.12
CA LYS A 368 8.48 3.98 7.51
C LYS A 368 7.85 3.19 6.35
N GLN A 369 8.26 3.47 5.10
CA GLN A 369 7.76 2.70 3.96
C GLN A 369 8.65 1.48 3.64
N CYS A 370 9.63 1.18 4.49
CA CYS A 370 10.70 0.22 4.15
C CYS A 370 10.73 -0.95 5.13
N SER A 371 11.05 -2.14 4.62
CA SER A 371 11.38 -3.26 5.51
C SER A 371 12.77 -3.14 6.16
N GLY A 372 12.85 -3.52 7.47
CA GLY A 372 14.15 -3.56 8.10
C GLY A 372 14.74 -4.96 8.18
N ILE A 373 13.93 -5.97 7.85
CA ILE A 373 14.37 -7.37 7.84
C ILE A 373 13.48 -8.10 6.83
N SER A 374 14.05 -9.08 6.14
CA SER A 374 13.28 -9.97 5.26
C SER A 374 13.71 -11.39 5.61
N MET A 375 12.76 -12.23 5.98
CA MET A 375 13.02 -13.57 6.48
C MET A 375 12.50 -14.56 5.47
N GLU A 376 13.41 -15.39 4.94
N GLU A 376 13.41 -15.43 4.98
CA GLU A 376 13.01 -16.48 4.03
CA GLU A 376 13.07 -16.51 4.05
C GLU A 376 12.66 -17.66 4.92
C GLU A 376 12.67 -17.70 4.90
N PHE A 377 11.36 -17.91 5.09
CA PHE A 377 10.91 -18.91 6.03
C PHE A 377 11.06 -20.33 5.50
N ASN A 378 11.18 -20.49 4.18
CA ASN A 378 11.28 -21.83 3.63
CA ASN A 378 11.26 -21.84 3.67
C ASN A 378 12.71 -22.33 3.65
N LEU A 379 13.65 -21.47 3.22
CA LEU A 379 15.07 -21.79 3.10
C LEU A 379 15.94 -21.33 4.28
N GLY A 380 15.52 -20.36 5.07
CA GLY A 380 16.19 -20.08 6.32
C GLY A 380 16.93 -18.74 6.39
N GLY A 381 17.20 -18.09 5.30
CA GLY A 381 18.03 -16.87 5.40
C GLY A 381 17.32 -15.61 5.91
N GLY A 382 18.13 -14.56 6.27
CA GLY A 382 17.60 -13.23 6.57
C GLY A 382 17.50 -12.88 8.03
N GLY A 383 17.78 -13.85 8.92
CA GLY A 383 17.81 -13.58 10.35
C GLY A 383 16.46 -13.83 11.01
N SER A 384 16.36 -13.32 12.24
CA SER A 384 15.17 -13.57 13.07
C SER A 384 14.64 -12.24 13.60
N LEU A 385 13.33 -12.21 13.87
CA LEU A 385 12.66 -11.05 14.49
C LEU A 385 12.76 -11.17 16.01
N SER A 386 14.00 -11.05 16.49
CA SER A 386 14.34 -11.16 17.91
C SER A 386 14.09 -9.83 18.65
N ALA A 387 14.19 -9.86 19.98
CA ALA A 387 14.09 -8.61 20.72
C ALA A 387 15.12 -7.57 20.23
N SER A 388 16.37 -7.99 20.06
CA SER A 388 17.42 -7.05 19.68
C SER A 388 17.18 -6.49 18.29
N LYS A 389 16.72 -7.36 17.36
CA LYS A 389 16.50 -6.92 15.99
C LYS A 389 15.30 -5.96 15.93
N ALA A 390 14.22 -6.28 16.69
CA ALA A 390 13.09 -5.36 16.78
C ALA A 390 13.54 -3.97 17.24
N GLN A 391 14.35 -3.91 18.30
CA GLN A 391 14.78 -2.61 18.80
C GLN A 391 15.67 -1.91 17.80
N SER A 392 16.56 -2.66 17.12
CA SER A 392 17.40 -2.04 16.11
C SER A 392 16.57 -1.42 15.00
N MET A 393 15.54 -2.13 14.57
CA MET A 393 14.71 -1.60 13.49
C MET A 393 13.90 -0.39 13.92
N ILE A 394 13.37 -0.40 15.16
CA ILE A 394 12.70 0.80 15.68
C ILE A 394 13.66 1.98 15.69
N ASP A 395 14.87 1.76 16.21
CA ASP A 395 15.85 2.82 16.28
C ASP A 395 16.18 3.35 14.90
N GLY A 396 16.17 2.47 13.90
CA GLY A 396 16.43 2.87 12.52
C GLY A 396 15.26 3.48 11.81
N GLY A 397 14.09 3.51 12.44
CA GLY A 397 12.91 4.12 11.83
C GLY A 397 12.18 3.29 10.78
N TYR A 398 12.42 1.97 10.74
CA TYR A 398 11.76 1.09 9.75
C TYR A 398 10.30 0.86 10.09
N GLY A 399 9.49 0.75 9.03
CA GLY A 399 8.07 0.52 9.17
C GLY A 399 7.62 -0.93 9.09
N TRP A 400 8.45 -1.79 8.51
CA TRP A 400 7.99 -3.13 8.09
C TRP A 400 9.01 -4.19 8.42
N PHE A 401 8.51 -5.41 8.70
CA PHE A 401 9.32 -6.62 8.63
C PHE A 401 8.62 -7.57 7.66
N MET A 402 9.42 -8.23 6.82
CA MET A 402 8.90 -9.05 5.75
C MET A 402 9.26 -10.52 5.99
N GLY A 403 8.33 -11.38 5.63
CA GLY A 403 8.57 -12.83 5.65
C GLY A 403 8.10 -13.44 4.35
N PHE A 404 8.74 -14.54 3.95
CA PHE A 404 8.46 -15.21 2.67
C PHE A 404 8.29 -16.71 2.87
N ALA A 405 7.15 -17.26 2.41
CA ALA A 405 6.93 -18.71 2.23
C ALA A 405 6.89 -19.44 3.57
N PRO A 406 6.10 -18.98 4.55
CA PRO A 406 5.86 -19.82 5.72
C PRO A 406 4.98 -21.00 5.35
N SER A 407 5.08 -22.11 6.09
CA SER A 407 4.25 -23.28 5.81
CA SER A 407 4.20 -23.24 5.82
C SER A 407 3.99 -23.99 7.14
N PRO A 408 2.83 -24.60 7.31
CA PRO A 408 2.55 -25.30 8.58
C PRO A 408 3.60 -26.36 8.89
N ALA A 409 4.09 -27.03 7.85
CA ALA A 409 5.08 -28.07 8.07
C ALA A 409 6.32 -27.52 8.71
N LYS A 410 6.58 -26.22 8.54
CA LYS A 410 7.77 -25.60 9.12
C LYS A 410 7.46 -24.61 10.24
N TYR A 411 6.28 -24.70 10.86
CA TYR A 411 5.95 -23.72 11.89
C TYR A 411 6.94 -23.74 13.07
N GLY A 412 7.55 -24.89 13.40
CA GLY A 412 8.53 -24.87 14.46
C GLY A 412 9.61 -23.82 14.21
N SER A 413 10.21 -23.86 13.01
CA SER A 413 11.22 -22.89 12.62
CA SER A 413 11.24 -22.88 12.68
C SER A 413 10.66 -21.49 12.51
N VAL A 414 9.50 -21.36 11.84
CA VAL A 414 8.94 -20.02 11.59
C VAL A 414 8.70 -19.32 12.92
N PHE A 415 8.01 -20.01 13.83
CA PHE A 415 7.67 -19.31 15.07
C PHE A 415 8.91 -19.14 15.95
N SER A 416 9.90 -20.04 15.83
CA SER A 416 11.15 -19.82 16.58
C SER A 416 11.78 -18.50 16.20
N ARG A 417 11.73 -18.17 14.90
CA ARG A 417 12.32 -16.93 14.39
C ARG A 417 11.51 -15.69 14.74
N LEU A 418 10.37 -15.84 15.44
CA LEU A 418 9.55 -14.70 15.83
C LEU A 418 9.56 -14.52 17.35
N GLN A 419 10.36 -15.31 18.05
CA GLN A 419 10.39 -15.19 19.51
C GLN A 419 11.04 -13.88 19.93
N GLY A 420 10.46 -13.28 20.95
CA GLY A 420 11.07 -12.09 21.52
C GLY A 420 10.75 -10.78 20.83
N GLY A 421 10.58 -10.75 19.49
CA GLY A 421 10.43 -9.47 18.83
C GLY A 421 9.11 -8.79 19.19
N GLY A 422 8.05 -9.57 19.36
CA GLY A 422 6.75 -8.95 19.61
C GLY A 422 6.70 -8.20 20.93
N GLU A 423 7.37 -8.72 21.97
CA GLU A 423 7.38 -7.96 23.20
C GLU A 423 7.97 -6.57 22.96
N VAL A 424 9.00 -6.46 22.12
CA VAL A 424 9.59 -5.16 21.87
C VAL A 424 8.71 -4.29 20.97
N LEU A 425 8.16 -4.88 19.91
CA LEU A 425 7.41 -4.07 18.93
C LEU A 425 6.05 -3.67 19.47
N TYR A 426 5.43 -4.52 20.32
CA TYR A 426 4.02 -4.40 20.64
C TYR A 426 3.77 -4.58 22.13
N GLY A 427 4.76 -4.97 22.93
CA GLY A 427 4.43 -5.31 24.29
C GLY A 427 3.70 -6.61 24.42
N SER A 428 3.76 -7.45 23.39
CA SER A 428 3.08 -8.73 23.47
C SER A 428 3.78 -9.71 22.52
N ASN A 429 4.29 -10.86 23.03
CA ASN A 429 4.95 -11.81 22.13
C ASN A 429 3.98 -12.53 21.20
N VAL A 430 4.54 -13.03 20.10
CA VAL A 430 3.78 -13.89 19.22
C VAL A 430 3.44 -15.16 19.96
N ALA A 431 2.19 -15.60 19.87
CA ALA A 431 1.81 -16.82 20.57
C ALA A 431 2.14 -18.05 19.74
N ALA A 432 2.40 -19.18 20.45
CA ALA A 432 2.62 -20.44 19.75
C ALA A 432 1.38 -20.81 18.96
N PRO A 433 1.55 -21.37 17.77
CA PRO A 433 0.37 -21.69 16.92
C PRO A 433 -0.45 -22.87 17.45
N THR A 434 -1.75 -22.73 17.33
CA THR A 434 -2.68 -23.80 17.65
C THR A 434 -3.58 -24.19 16.49
N ILE A 435 -3.56 -23.47 15.36
CA ILE A 435 -4.43 -23.77 14.22
C ILE A 435 -3.58 -23.68 12.96
N PHE A 436 -3.90 -24.49 11.96
CA PHE A 436 -3.35 -24.29 10.63
C PHE A 436 -4.41 -24.69 9.61
N TYR A 437 -4.14 -24.34 8.35
CA TYR A 437 -5.07 -24.61 7.26
C TYR A 437 -4.36 -25.42 6.19
N LYS A 438 -5.08 -26.36 5.61
CA LYS A 438 -4.60 -27.15 4.48
C LYS A 438 -4.93 -26.44 3.16
N LYS A 439 -4.16 -26.79 2.13
CA LYS A 439 -4.34 -26.10 0.85
C LYS A 439 -5.78 -26.19 0.35
N ASN A 440 -6.34 -25.04 -0.03
CA ASN A 440 -7.67 -24.94 -0.66
C ASN A 440 -8.82 -25.37 0.24
N ASP A 441 -8.58 -25.48 1.55
CA ASP A 441 -9.54 -26.01 2.53
C ASP A 441 -9.82 -24.92 3.58
N PRO A 442 -11.08 -24.50 3.79
CA PRO A 442 -11.36 -23.45 4.79
C PRO A 442 -11.35 -23.91 6.23
N THR A 443 -11.15 -25.22 6.48
CA THR A 443 -11.31 -25.73 7.84
C THR A 443 -10.12 -25.39 8.71
N PRO A 444 -10.30 -24.79 9.89
CA PRO A 444 -9.14 -24.63 10.79
C PRO A 444 -8.85 -25.93 11.53
N TYR A 445 -7.68 -26.50 11.23
CA TYR A 445 -7.21 -27.74 11.82
C TYR A 445 -6.38 -27.47 13.05
N LYS A 446 -6.28 -28.50 13.94
CA LYS A 446 -5.50 -28.30 15.15
C LYS A 446 -4.01 -28.42 14.84
N TYR A 447 -3.21 -27.37 15.25
CA TYR A 447 -1.77 -27.50 15.13
C TYR A 447 -1.21 -27.94 16.47
N PRO A 448 -0.36 -29.00 16.55
CA PRO A 448 0.21 -29.82 15.47
C PRO A 448 -0.53 -31.15 15.22
N ASP A 449 -1.56 -31.42 16.04
CA ASP A 449 -2.21 -32.73 16.05
CA ASP A 449 -2.21 -32.73 16.05
C ASP A 449 -2.66 -33.18 14.66
N ASP A 450 -3.16 -32.25 13.85
CA ASP A 450 -3.80 -32.63 12.58
C ASP A 450 -2.89 -32.57 11.37
N LEU A 451 -1.60 -32.29 11.56
CA LEU A 451 -0.69 -32.22 10.40
C LEU A 451 -0.58 -33.49 9.58
#